data_3WZW
#
_entry.id   3WZW
#
_cell.length_a   102.690
_cell.length_b   57.669
_cell.length_c   75.467
_cell.angle_alpha   90.000
_cell.angle_beta   118.660
_cell.angle_gamma   90.000
#
_symmetry.space_group_name_H-M   'C 1 2 1'
#
loop_
_entity.id
_entity.type
_entity.pdbx_description
1 polymer '3-isopropylmalate dehydrogenase'
2 non-polymer '3-ISOPROPYLMALIC ACID'
3 non-polymer 'MAGNESIUM ION'
4 water water
#
_entity_poly.entity_id   1
_entity_poly.type   'polypeptide(L)'
_entity_poly.pdbx_seq_one_letter_code
;MRGSHHHHHHGSSYQIAVLAGDGIGPEVMAEARKVLKAVEARFGLNIEYTEYDVGGIAIDNHGCPLPEATLKGCEAADAI
LFGSVGGPKWEKLPPNEQPERGALLPLRGHFELFCNLRPAKLHDGLEHMSPLRSDISARGFDVLCVRELTGGIYFGKPKG
RQGEGESEEAFDTMRYSRREISRIARIAFEAARGRRKKVTSVDKANVLACSVLWRQVVEEVAVDFPDVELEHIYIDNATM
QLLRRPDEFDVMLCSNLFGDILSDEIAMLTGSMGLLSSASMNSTGFGLFEPAGGSAPDIAGKGIANPIAQILSAALMLRH
SLKQEEAASAIERAVTKALNSGYLTGELLSSDQRHKAKTTVQMGDFIADAVKAGV
;
_entity_poly.pdbx_strand_id   A
#
loop_
_chem_comp.id
_chem_comp.type
_chem_comp.name
_chem_comp.formula
IPM non-polymer '3-ISOPROPYLMALIC ACID' 'C7 H12 O5'
MG non-polymer 'MAGNESIUM ION' 'Mg 2'
#
# COMPACT_ATOMS: atom_id res chain seq x y z
N SER A 12 -11.26 -22.76 6.92
CA SER A 12 -11.34 -23.09 8.37
C SER A 12 -10.94 -21.86 9.24
N SER A 13 -10.27 -22.07 10.39
CA SER A 13 -9.87 -20.92 11.22
C SER A 13 -8.62 -20.20 10.67
N TYR A 14 -8.85 -19.03 10.07
CA TYR A 14 -7.73 -18.18 9.63
C TYR A 14 -6.83 -17.69 10.78
N GLN A 15 -5.54 -17.50 10.47
CA GLN A 15 -4.49 -17.05 11.39
C GLN A 15 -3.92 -15.71 10.80
N ILE A 16 -3.89 -14.63 11.55
CA ILE A 16 -3.36 -13.32 11.05
C ILE A 16 -2.23 -12.86 11.99
N ALA A 17 -1.07 -12.53 11.42
CA ALA A 17 0.06 -11.92 12.13
C ALA A 17 -0.14 -10.41 12.10
N VAL A 18 -0.36 -9.83 13.27
CA VAL A 18 -0.65 -8.40 13.39
C VAL A 18 0.66 -7.70 13.76
N LEU A 19 1.10 -6.79 12.89
CA LEU A 19 2.34 -6.10 13.02
C LEU A 19 2.08 -4.57 12.99
N ALA A 20 1.68 -4.02 14.09
CA ALA A 20 1.20 -2.68 14.12
C ALA A 20 2.31 -1.69 14.05
N GLY A 21 3.47 -2.07 14.55
CA GLY A 21 4.61 -1.16 14.44
C GLY A 21 4.53 0.07 15.34
N ASP A 22 4.85 1.23 14.77
CA ASP A 22 5.24 2.45 15.49
C ASP A 22 4.29 3.57 15.25
N GLY A 23 4.50 4.68 15.94
CA GLY A 23 3.65 5.87 15.73
C GLY A 23 2.14 5.64 15.81
N ILE A 24 1.42 6.04 14.77
CA ILE A 24 -0.02 5.81 14.80
C ILE A 24 -0.42 4.34 14.57
N GLY A 25 0.52 3.48 14.27
CA GLY A 25 0.20 2.11 13.89
C GLY A 25 -0.70 1.38 14.86
N PRO A 26 -0.38 1.30 16.16
CA PRO A 26 -1.26 0.64 17.08
C PRO A 26 -2.62 1.26 17.24
N GLU A 27 -2.75 2.57 17.18
CA GLU A 27 -4.06 3.14 17.42
C GLU A 27 -5.01 2.93 16.25
N VAL A 28 -4.49 2.92 15.04
CA VAL A 28 -5.36 2.72 13.88
C VAL A 28 -5.64 1.23 13.69
N MET A 29 -4.65 0.43 14.12
CA MET A 29 -4.84 -1.04 14.11
C MET A 29 -5.96 -1.46 15.07
N ALA A 30 -6.09 -0.76 16.19
CA ALA A 30 -7.15 -1.02 17.15
C ALA A 30 -8.47 -0.89 16.42
N GLU A 31 -8.56 0.11 15.59
CA GLU A 31 -9.84 0.32 14.82
C GLU A 31 -10.05 -0.72 13.73
N ALA A 32 -8.99 -1.11 13.07
CA ALA A 32 -9.09 -2.16 12.07
C ALA A 32 -9.59 -3.47 12.74
N ARG A 33 -8.99 -3.86 13.87
CA ARG A 33 -9.44 -5.03 14.60
C ARG A 33 -10.90 -4.94 15.06
N LYS A 34 -11.31 -3.75 15.49
CA LYS A 34 -12.69 -3.48 15.84
C LYS A 34 -13.65 -3.74 14.71
N VAL A 35 -13.36 -3.17 13.54
CA VAL A 35 -14.15 -3.38 12.35
C VAL A 35 -14.12 -4.82 11.92
N LEU A 36 -12.97 -5.46 12.04
CA LEU A 36 -12.84 -6.85 11.72
C LEU A 36 -13.75 -7.71 12.60
N LYS A 37 -13.75 -7.44 13.89
CA LYS A 37 -14.66 -8.16 14.83
C LYS A 37 -16.10 -8.06 14.38
N ALA A 38 -16.52 -6.90 13.90
CA ALA A 38 -17.88 -6.77 13.37
C ALA A 38 -18.13 -7.65 12.15
N VAL A 39 -17.18 -7.67 11.22
CA VAL A 39 -17.32 -8.47 10.05
C VAL A 39 -17.26 -9.96 10.44
N GLU A 40 -16.41 -10.32 11.39
CA GLU A 40 -16.29 -11.74 11.80
C GLU A 40 -17.65 -12.24 12.29
N ALA A 41 -18.32 -11.39 13.09
CA ALA A 41 -19.64 -11.71 13.65
C ALA A 41 -20.76 -11.73 12.60
N ARG A 42 -20.74 -10.74 11.71
CA ARG A 42 -21.63 -10.73 10.58
C ARG A 42 -21.54 -11.91 9.64
N PHE A 43 -20.35 -12.32 9.28
CA PHE A 43 -20.18 -13.29 8.22
C PHE A 43 -19.76 -14.66 8.75
N GLY A 44 -19.83 -14.80 10.06
CA GLY A 44 -19.32 -16.01 10.74
C GLY A 44 -17.92 -16.45 10.40
N LEU A 45 -16.96 -15.50 10.40
CA LEU A 45 -15.57 -15.84 10.14
C LEU A 45 -14.91 -16.15 11.44
N ASN A 46 -14.04 -17.08 11.35
CA ASN A 46 -13.28 -17.55 12.47
C ASN A 46 -11.83 -17.13 12.16
N ILE A 47 -11.45 -15.98 12.72
CA ILE A 47 -10.08 -15.40 12.51
C ILE A 47 -9.36 -15.26 13.82
N GLU A 48 -8.20 -15.87 13.93
CA GLU A 48 -7.32 -15.71 15.10
C GLU A 48 -6.18 -14.78 14.76
N TYR A 49 -5.89 -13.89 15.66
CA TYR A 49 -4.84 -12.87 15.52
C TYR A 49 -3.75 -13.06 16.55
N THR A 50 -2.49 -12.90 16.15
CA THR A 50 -1.38 -12.80 17.09
C THR A 50 -0.58 -11.54 16.76
N GLU A 51 -0.26 -10.76 17.77
CA GLU A 51 0.52 -9.54 17.62
C GLU A 51 2.01 -9.84 17.75
N TYR A 52 2.80 -9.26 16.86
CA TYR A 52 4.24 -9.32 16.93
C TYR A 52 4.82 -7.92 16.79
N ASP A 53 6.00 -7.65 17.41
CA ASP A 53 6.65 -6.34 17.30
C ASP A 53 7.31 -6.31 15.95
N VAL A 54 7.32 -5.12 15.33
CA VAL A 54 8.03 -4.88 14.10
C VAL A 54 8.50 -3.46 14.07
N GLY A 55 9.57 -3.18 13.35
CA GLY A 55 10.02 -1.78 13.23
C GLY A 55 10.68 -1.28 14.52
N GLY A 56 10.38 -0.04 14.90
CA GLY A 56 10.95 0.65 16.02
C GLY A 56 10.71 -0.04 17.33
N ILE A 57 9.47 -0.46 17.52
CA ILE A 57 9.13 -1.24 18.69
C ILE A 57 9.92 -2.54 18.79
N ALA A 58 10.12 -3.20 17.66
CA ALA A 58 10.95 -4.36 17.67
C ALA A 58 12.42 -4.08 18.03
N ILE A 59 12.92 -2.96 17.57
CA ILE A 59 14.31 -2.57 17.88
C ILE A 59 14.38 -2.35 19.42
N ASP A 60 13.39 -1.69 19.96
CA ASP A 60 13.38 -1.42 21.41
C ASP A 60 13.21 -2.67 22.21
N ASN A 61 12.33 -3.57 21.79
CA ASN A 61 12.05 -4.78 22.57
C ASN A 61 12.94 -5.95 22.29
N HIS A 62 13.58 -5.96 21.10
CA HIS A 62 14.25 -7.14 20.68
C HIS A 62 15.62 -6.93 20.05
N GLY A 63 15.95 -5.71 19.74
CA GLY A 63 17.24 -5.34 19.19
C GLY A 63 17.35 -5.28 17.67
N CYS A 64 16.26 -5.56 16.93
CA CYS A 64 16.29 -5.52 15.46
C CYS A 64 14.87 -5.22 14.98
N PRO A 65 14.74 -4.67 13.77
CA PRO A 65 13.31 -4.39 13.30
C PRO A 65 12.43 -5.54 12.85
N LEU A 66 13.00 -6.69 12.62
CA LEU A 66 12.26 -7.88 12.23
C LEU A 66 12.78 -9.07 13.04
N PRO A 67 12.26 -9.22 14.23
CA PRO A 67 12.71 -10.35 15.05
C PRO A 67 12.45 -11.69 14.44
N GLU A 68 13.31 -12.65 14.76
CA GLU A 68 13.07 -14.07 14.27
C GLU A 68 11.65 -14.60 14.60
N ALA A 69 11.15 -14.27 15.80
CA ALA A 69 9.81 -14.73 16.27
C ALA A 69 8.70 -14.02 15.53
N THR A 70 8.99 -12.80 15.14
CA THR A 70 8.04 -12.04 14.30
C THR A 70 7.96 -12.68 12.89
N LEU A 71 9.06 -12.95 12.28
CA LEU A 71 9.07 -13.62 10.95
C LEU A 71 8.40 -15.01 10.98
N LYS A 72 8.77 -15.84 11.98
CA LYS A 72 8.10 -17.12 12.23
C LYS A 72 6.62 -16.95 12.35
N GLY A 73 6.22 -15.93 13.10
CA GLY A 73 4.82 -15.67 13.32
C GLY A 73 4.10 -15.42 12.01
N CYS A 74 4.75 -14.66 11.13
CA CYS A 74 4.21 -14.36 9.80
C CYS A 74 4.19 -15.68 8.98
N GLU A 75 5.21 -16.56 9.14
CA GLU A 75 5.25 -17.84 8.34
C GLU A 75 4.11 -18.76 8.76
N ALA A 76 3.67 -18.67 10.02
CA ALA A 76 2.51 -19.45 10.49
C ALA A 76 1.15 -18.84 10.16
N ALA A 77 1.10 -17.70 9.51
CA ALA A 77 -0.17 -16.99 9.35
C ALA A 77 -0.59 -17.09 7.94
N ASP A 78 -1.85 -16.81 7.69
CA ASP A 78 -2.40 -16.70 6.36
C ASP A 78 -2.17 -15.32 5.71
N ALA A 79 -1.97 -14.33 6.56
CA ALA A 79 -1.71 -12.97 6.06
C ALA A 79 -1.08 -12.13 7.14
N ILE A 80 -0.39 -11.05 6.73
CA ILE A 80 0.11 -10.05 7.67
C ILE A 80 -0.74 -8.84 7.62
N LEU A 81 -1.24 -8.42 8.74
CA LEU A 81 -1.99 -7.13 8.82
C LEU A 81 -1.00 -6.19 9.49
N PHE A 82 -0.50 -5.20 8.71
CA PHE A 82 0.71 -4.41 9.02
C PHE A 82 0.29 -2.95 9.19
N GLY A 83 0.82 -2.32 10.21
CA GLY A 83 0.55 -0.92 10.48
C GLY A 83 1.55 0.01 9.79
N SER A 84 2.39 0.63 10.58
CA SER A 84 3.33 1.57 10.00
C SER A 84 4.60 1.51 10.82
N VAL A 85 5.75 1.77 10.22
CA VAL A 85 7.01 1.60 10.99
C VAL A 85 7.86 2.84 10.75
N GLY A 86 8.65 3.15 11.73
CA GLY A 86 9.60 4.26 11.61
C GLY A 86 9.27 5.36 12.56
N GLY A 87 10.27 6.19 12.81
CA GLY A 87 10.05 7.41 13.62
C GLY A 87 11.38 8.10 13.92
N PRO A 88 11.32 9.29 14.55
CA PRO A 88 12.51 10.10 14.84
C PRO A 88 13.48 9.34 15.70
N LYS A 89 12.95 8.54 16.62
CA LYS A 89 13.75 7.84 17.60
C LYS A 89 14.82 6.95 16.98
N TRP A 90 14.55 6.40 15.80
CA TRP A 90 15.46 5.50 15.11
C TRP A 90 16.14 6.12 13.87
N GLU A 91 15.87 7.41 13.58
CA GLU A 91 16.37 8.10 12.35
C GLU A 91 17.87 7.90 12.17
N LYS A 92 18.62 8.03 13.24
CA LYS A 92 20.07 8.07 13.13
C LYS A 92 20.76 6.73 13.28
N LEU A 93 20.02 5.62 13.32
CA LEU A 93 20.68 4.32 13.20
C LEU A 93 21.25 4.27 11.80
N PRO A 94 22.23 3.39 11.56
CA PRO A 94 22.62 3.20 10.18
C PRO A 94 21.44 2.66 9.30
N PRO A 95 21.42 3.02 7.99
CA PRO A 95 20.34 2.54 7.08
C PRO A 95 20.03 1.07 7.22
N ASN A 96 21.03 0.19 7.29
CA ASN A 96 20.71 -1.25 7.42
C ASN A 96 20.30 -1.76 8.83
N GLU A 97 20.09 -0.83 9.75
CA GLU A 97 19.46 -1.13 11.03
C GLU A 97 18.13 -0.40 11.21
N GLN A 98 17.85 0.54 10.28
CA GLN A 98 16.65 1.34 10.37
C GLN A 98 15.37 0.52 10.23
N PRO A 99 14.33 0.93 10.95
CA PRO A 99 13.12 0.11 11.13
C PRO A 99 12.24 -0.08 9.89
N GLU A 100 12.17 0.93 9.00
CA GLU A 100 11.20 0.88 7.89
C GLU A 100 11.71 -0.07 6.82
N ARG A 101 12.91 0.17 6.34
CA ARG A 101 13.50 -0.77 5.42
C ARG A 101 13.77 -2.11 6.08
N GLY A 102 14.21 -2.08 7.33
CA GLY A 102 14.54 -3.34 8.06
C GLY A 102 13.38 -4.25 8.35
N ALA A 103 12.16 -3.72 8.34
CA ALA A 103 10.96 -4.51 8.46
C ALA A 103 10.46 -4.91 7.07
N LEU A 104 10.19 -3.91 6.20
CA LEU A 104 9.54 -4.16 4.96
C LEU A 104 10.28 -4.94 3.90
N LEU A 105 11.55 -4.70 3.61
CA LEU A 105 12.17 -5.45 2.54
C LEU A 105 12.37 -6.91 2.86
N PRO A 106 12.79 -7.28 4.08
CA PRO A 106 12.88 -8.67 4.36
C PRO A 106 11.58 -9.38 4.41
N LEU A 107 10.48 -8.76 4.80
CA LEU A 107 9.20 -9.43 4.70
C LEU A 107 8.80 -9.68 3.24
N ARG A 108 9.03 -8.69 2.38
CA ARG A 108 8.71 -8.83 1.01
C ARG A 108 9.51 -9.89 0.38
N GLY A 109 10.85 -9.88 0.60
CA GLY A 109 11.74 -10.85 0.01
C GLY A 109 11.44 -12.24 0.52
N HIS A 110 11.23 -12.36 1.82
CA HIS A 110 11.03 -13.65 2.42
C HIS A 110 9.79 -14.35 1.92
N PHE A 111 8.69 -13.64 1.87
CA PHE A 111 7.42 -14.21 1.43
C PHE A 111 7.16 -14.11 -0.08
N GLU A 112 8.13 -13.55 -0.83
CA GLU A 112 8.06 -13.43 -2.30
C GLU A 112 6.86 -12.63 -2.67
N LEU A 113 6.70 -11.48 -1.97
CA LEU A 113 5.61 -10.62 -2.22
C LEU A 113 5.85 -9.73 -3.44
N PHE A 114 5.77 -10.32 -4.62
CA PHE A 114 6.25 -9.63 -5.83
C PHE A 114 5.25 -8.55 -6.29
N CYS A 115 3.98 -8.62 -5.83
CA CYS A 115 2.92 -7.82 -6.37
C CYS A 115 2.48 -6.69 -5.38
N ASN A 116 2.73 -5.42 -5.68
CA ASN A 116 2.29 -4.33 -4.77
C ASN A 116 1.15 -3.57 -5.42
N LEU A 117 -0.04 -3.61 -4.84
CA LEU A 117 -1.22 -2.90 -5.33
C LEU A 117 -1.57 -1.68 -4.48
N ARG A 118 -1.49 -0.51 -5.09
CA ARG A 118 -1.85 0.75 -4.42
CA ARG A 118 -1.82 0.75 -4.42
C ARG A 118 -2.86 1.55 -5.24
N PRO A 119 -4.18 1.35 -5.00
CA PRO A 119 -5.19 2.14 -5.68
C PRO A 119 -5.31 3.53 -5.07
N ALA A 120 -5.50 4.51 -5.91
CA ALA A 120 -5.73 5.83 -5.39
C ALA A 120 -6.82 6.53 -6.17
N LYS A 121 -7.87 6.93 -5.44
CA LYS A 121 -9.00 7.51 -6.08
C LYS A 121 -9.26 8.81 -5.36
N LEU A 122 -9.69 9.84 -6.11
CA LEU A 122 -10.21 11.10 -5.55
C LEU A 122 -11.67 10.92 -5.11
N HIS A 123 -11.97 11.07 -3.83
CA HIS A 123 -13.32 10.75 -3.29
C HIS A 123 -14.28 11.90 -3.45
N ASP A 124 -15.53 11.53 -3.73
CA ASP A 124 -16.61 12.50 -3.81
C ASP A 124 -16.59 13.34 -2.57
N GLY A 125 -16.67 14.63 -2.80
CA GLY A 125 -16.74 15.59 -1.74
C GLY A 125 -15.43 15.93 -1.07
N LEU A 126 -14.33 15.24 -1.43
CA LEU A 126 -13.03 15.58 -0.91
C LEU A 126 -12.05 16.20 -1.96
N GLU A 127 -12.56 16.61 -3.13
CA GLU A 127 -11.77 17.28 -4.18
C GLU A 127 -10.99 18.44 -3.67
N HIS A 128 -11.62 19.26 -2.83
CA HIS A 128 -10.99 20.44 -2.27
C HIS A 128 -9.68 20.13 -1.52
N MET A 129 -9.52 18.88 -1.03
CA MET A 129 -8.26 18.47 -0.33
C MET A 129 -7.11 18.07 -1.27
N SER A 130 -7.46 17.72 -2.49
CA SER A 130 -6.49 17.45 -3.54
C SER A 130 -5.65 18.71 -3.79
N PRO A 131 -4.33 18.56 -3.86
CA PRO A 131 -3.45 19.66 -4.22
C PRO A 131 -3.47 20.00 -5.69
N LEU A 132 -4.43 19.42 -6.42
CA LEU A 132 -4.63 19.74 -7.84
C LEU A 132 -5.47 20.95 -8.00
N ARG A 133 -5.32 21.62 -9.12
CA ARG A 133 -6.09 22.80 -9.49
C ARG A 133 -7.56 22.33 -9.53
N SER A 134 -8.46 23.16 -9.07
CA SER A 134 -9.90 22.78 -8.89
C SER A 134 -10.60 22.17 -10.10
N ASP A 135 -10.42 22.72 -11.30
CA ASP A 135 -10.87 22.06 -12.50
C ASP A 135 -10.35 20.59 -12.73
N ILE A 136 -9.09 20.30 -12.38
CA ILE A 136 -8.49 18.93 -12.54
C ILE A 136 -9.06 18.01 -11.46
N SER A 137 -9.18 18.50 -10.24
CA SER A 137 -9.72 17.67 -9.15
C SER A 137 -11.20 17.39 -9.39
N ALA A 138 -11.91 18.37 -9.92
CA ALA A 138 -13.30 18.15 -10.31
C ALA A 138 -13.44 17.02 -11.29
N ARG A 139 -12.52 16.82 -12.24
CA ARG A 139 -12.65 15.67 -13.16
C ARG A 139 -12.53 14.34 -12.42
N GLY A 140 -11.82 14.36 -11.31
CA GLY A 140 -11.70 13.20 -10.45
C GLY A 140 -10.67 12.28 -11.09
N PHE A 141 -10.30 11.21 -10.37
CA PHE A 141 -9.44 10.19 -10.95
C PHE A 141 -9.47 8.90 -10.13
N ASP A 142 -9.03 7.82 -10.74
CA ASP A 142 -8.95 6.52 -10.08
C ASP A 142 -7.81 5.76 -10.73
N VAL A 143 -6.64 5.77 -10.09
CA VAL A 143 -5.44 5.19 -10.69
C VAL A 143 -4.92 4.11 -9.78
N LEU A 144 -4.79 2.89 -10.31
CA LEU A 144 -4.22 1.76 -9.56
C LEU A 144 -2.80 1.66 -9.97
N CYS A 145 -1.87 1.77 -9.02
CA CYS A 145 -0.46 1.43 -9.26
C CYS A 145 -0.18 0.00 -8.93
N VAL A 146 0.31 -0.74 -9.95
CA VAL A 146 0.75 -2.07 -9.77
C VAL A 146 2.32 -1.98 -9.87
N ARG A 147 2.98 -2.36 -8.81
CA ARG A 147 4.42 -2.23 -8.67
C ARG A 147 5.04 -3.61 -8.34
N GLU A 148 6.07 -3.98 -9.10
CA GLU A 148 6.93 -5.17 -8.90
C GLU A 148 7.76 -4.93 -7.70
N LEU A 149 7.64 -5.83 -6.73
CA LEU A 149 8.13 -5.50 -5.39
C LEU A 149 9.31 -6.29 -4.88
N THR A 150 9.64 -7.39 -5.53
CA THR A 150 10.73 -8.21 -5.04
C THR A 150 11.92 -8.32 -5.94
N GLY A 151 11.96 -7.52 -7.00
CA GLY A 151 13.08 -7.55 -7.90
C GLY A 151 13.64 -6.14 -8.16
N GLY A 152 14.26 -5.93 -9.32
CA GLY A 152 14.72 -4.64 -9.71
C GLY A 152 15.92 -4.24 -8.91
N ILE A 153 15.99 -2.95 -8.59
CA ILE A 153 17.25 -2.51 -7.95
C ILE A 153 17.19 -2.71 -6.43
N TYR A 154 16.03 -3.04 -5.90
CA TYR A 154 15.89 -3.28 -4.47
C TYR A 154 16.66 -4.50 -4.01
N PHE A 155 16.67 -5.56 -4.81
CA PHE A 155 17.22 -6.80 -4.40
C PHE A 155 18.31 -7.27 -5.37
N GLY A 156 18.69 -6.49 -6.40
CA GLY A 156 19.69 -6.93 -7.33
C GLY A 156 21.05 -7.05 -6.68
N LYS A 157 21.88 -7.97 -7.15
CA LYS A 157 23.28 -8.02 -6.70
C LYS A 157 24.16 -7.96 -7.96
N PRO A 158 25.38 -7.42 -7.88
CA PRO A 158 25.95 -6.98 -6.65
C PRO A 158 25.43 -5.59 -6.14
N LYS A 159 25.46 -5.46 -4.84
CA LYS A 159 25.06 -4.28 -4.11
C LYS A 159 26.17 -4.03 -3.05
N GLY A 160 26.65 -2.78 -2.87
CA GLY A 160 27.60 -2.53 -1.76
C GLY A 160 28.53 -1.41 -2.08
N ARG A 161 29.75 -1.44 -1.56
CA ARG A 161 30.70 -0.41 -1.92
C ARG A 161 32.12 -0.93 -1.87
N GLN A 162 33.05 -0.28 -2.56
CA GLN A 162 34.43 -0.78 -2.57
C GLN A 162 35.32 0.43 -2.62
N GLY A 163 36.51 0.38 -2.06
CA GLY A 163 37.44 1.46 -2.33
C GLY A 163 37.46 2.36 -1.12
N GLU A 164 38.24 3.40 -1.21
CA GLU A 164 38.50 4.29 -0.11
C GLU A 164 38.67 5.69 -0.65
N GLY A 165 38.31 6.69 0.11
CA GLY A 165 38.57 8.09 -0.26
C GLY A 165 37.81 8.57 -1.46
N GLU A 166 38.40 9.43 -2.29
CA GLU A 166 37.69 9.92 -3.47
C GLU A 166 37.19 8.87 -4.43
N SER A 167 37.90 7.75 -4.50
CA SER A 167 37.58 6.73 -5.43
C SER A 167 36.69 5.66 -4.80
N GLU A 168 36.24 5.86 -3.58
CA GLU A 168 35.36 4.85 -2.98
C GLU A 168 34.06 4.93 -3.82
N GLU A 169 33.49 3.78 -4.08
CA GLU A 169 32.34 3.68 -5.00
C GLU A 169 31.32 2.83 -4.34
N ALA A 170 30.05 3.17 -4.51
CA ALA A 170 28.99 2.29 -4.18
C ALA A 170 28.13 1.98 -5.40
N PHE A 171 27.30 0.94 -5.32
CA PHE A 171 26.72 0.33 -6.50
C PHE A 171 25.54 -0.51 -6.09
N ASP A 172 24.51 -0.48 -6.95
CA ASP A 172 23.26 -1.27 -6.86
C ASP A 172 22.97 -1.72 -8.24
N THR A 173 22.43 -2.92 -8.42
CA THR A 173 22.20 -3.48 -9.74
C THR A 173 20.76 -3.67 -9.91
N MET A 174 20.19 -2.97 -10.87
CA MET A 174 18.78 -3.15 -11.22
C MET A 174 18.72 -4.35 -12.14
N ARG A 175 18.07 -5.42 -11.75
CA ARG A 175 17.90 -6.47 -12.70
C ARG A 175 16.51 -7.07 -12.69
N TYR A 176 16.09 -7.45 -13.88
CA TYR A 176 14.83 -8.15 -14.08
C TYR A 176 15.00 -9.29 -15.08
N SER A 177 14.33 -10.37 -14.80
CA SER A 177 14.19 -11.46 -15.78
C SER A 177 12.77 -11.36 -16.38
N ARG A 178 12.62 -12.04 -17.51
CA ARG A 178 11.41 -12.05 -18.20
C ARG A 178 10.30 -12.62 -17.29
N ARG A 179 10.61 -13.68 -16.52
CA ARG A 179 9.67 -14.35 -15.66
C ARG A 179 9.13 -13.33 -14.67
N GLU A 180 10.00 -12.47 -14.17
CA GLU A 180 9.61 -11.45 -13.15
C GLU A 180 8.71 -10.39 -13.74
N ILE A 181 9.07 -9.91 -14.92
CA ILE A 181 8.32 -8.91 -15.53
C ILE A 181 6.92 -9.45 -15.96
N SER A 182 6.84 -10.69 -16.46
CA SER A 182 5.60 -11.10 -17.02
C SER A 182 4.61 -11.36 -15.90
N ARG A 183 5.08 -11.88 -14.76
CA ARG A 183 4.16 -12.10 -13.66
C ARG A 183 3.51 -10.86 -13.09
N ILE A 184 4.26 -9.77 -12.95
CA ILE A 184 3.66 -8.48 -12.54
C ILE A 184 2.83 -7.89 -13.64
N ALA A 185 3.26 -8.06 -14.93
CA ALA A 185 2.45 -7.51 -16.01
C ALA A 185 1.03 -8.13 -16.05
N ARG A 186 0.97 -9.44 -15.82
CA ARG A 186 -0.29 -10.13 -15.87
C ARG A 186 -1.20 -9.59 -14.81
N ILE A 187 -0.66 -9.36 -13.64
CA ILE A 187 -1.45 -8.72 -12.57
C ILE A 187 -2.08 -7.38 -13.02
N ALA A 188 -1.30 -6.52 -13.69
CA ALA A 188 -1.76 -5.22 -14.15
C ALA A 188 -2.85 -5.35 -15.21
N PHE A 189 -2.67 -6.26 -16.16
CA PHE A 189 -3.61 -6.41 -17.24
C PHE A 189 -4.92 -6.99 -16.70
N GLU A 190 -4.79 -7.95 -15.83
CA GLU A 190 -5.96 -8.59 -15.25
C GLU A 190 -6.70 -7.57 -14.43
N ALA A 191 -6.02 -6.72 -13.72
CA ALA A 191 -6.66 -5.58 -12.99
C ALA A 191 -7.38 -4.59 -13.91
N ALA A 192 -6.69 -4.18 -14.97
CA ALA A 192 -7.32 -3.30 -15.94
C ALA A 192 -8.57 -3.89 -16.53
N ARG A 193 -8.57 -5.19 -16.79
CA ARG A 193 -9.74 -5.85 -17.37
C ARG A 193 -10.99 -5.57 -16.56
N GLY A 194 -10.84 -5.57 -15.27
CA GLY A 194 -11.94 -5.28 -14.36
C GLY A 194 -12.17 -3.83 -14.02
N ARG A 195 -11.45 -2.90 -14.67
CA ARG A 195 -11.49 -1.45 -14.36
C ARG A 195 -11.80 -0.75 -15.67
N ARG A 196 -10.93 0.08 -16.26
CA ARG A 196 -11.23 0.83 -17.49
C ARG A 196 -10.42 0.33 -18.68
N LYS A 197 -9.85 -0.87 -18.56
CA LYS A 197 -9.18 -1.54 -19.66
C LYS A 197 -8.03 -0.76 -20.30
N LYS A 198 -7.21 -0.17 -19.45
CA LYS A 198 -6.01 0.48 -19.93
C LYS A 198 -4.88 0.22 -18.92
N VAL A 199 -3.76 -0.26 -19.46
CA VAL A 199 -2.50 -0.35 -18.72
C VAL A 199 -1.56 0.65 -19.34
N THR A 200 -0.98 1.47 -18.45
CA THR A 200 0.14 2.33 -18.80
C THR A 200 1.37 1.74 -18.10
N SER A 201 2.33 1.24 -18.87
CA SER A 201 3.54 0.69 -18.36
C SER A 201 4.54 1.80 -18.31
N VAL A 202 5.26 1.91 -17.19
CA VAL A 202 6.04 3.04 -16.93
C VAL A 202 7.48 2.58 -16.78
N ASP A 203 8.43 3.15 -17.51
CA ASP A 203 9.80 2.61 -17.49
C ASP A 203 10.77 3.72 -17.86
N LYS A 204 12.05 3.38 -18.05
CA LYS A 204 13.04 4.28 -18.62
C LYS A 204 13.78 3.57 -19.75
N ALA A 205 13.01 3.08 -20.71
CA ALA A 205 13.57 2.18 -21.76
C ALA A 205 14.54 2.92 -22.69
N ASN A 206 14.55 4.24 -22.62
CA ASN A 206 15.46 5.08 -23.42
C ASN A 206 16.82 5.10 -22.78
N VAL A 207 16.91 4.70 -21.55
CA VAL A 207 18.21 4.66 -20.91
C VAL A 207 18.63 3.34 -20.39
N LEU A 208 17.70 2.55 -19.87
CA LEU A 208 18.03 1.38 -19.08
C LEU A 208 17.75 0.04 -19.79
N ALA A 209 18.71 -0.86 -19.71
CA ALA A 209 18.60 -2.21 -20.30
C ALA A 209 17.48 -3.02 -19.64
N CYS A 210 17.34 -2.93 -18.30
CA CYS A 210 16.17 -3.48 -17.58
C CYS A 210 14.81 -2.99 -18.09
N SER A 211 14.76 -1.71 -18.36
CA SER A 211 13.58 -1.10 -19.00
C SER A 211 13.25 -1.54 -20.45
N VAL A 212 14.30 -1.74 -21.27
CA VAL A 212 14.15 -2.32 -22.61
C VAL A 212 13.49 -3.68 -22.50
N LEU A 213 14.01 -4.51 -21.62
CA LEU A 213 13.41 -5.83 -21.36
C LEU A 213 12.01 -5.77 -20.77
N TRP A 214 11.76 -4.79 -19.84
CA TRP A 214 10.50 -4.62 -19.25
C TRP A 214 9.45 -4.32 -20.36
N ARG A 215 9.74 -3.32 -21.20
CA ARG A 215 8.80 -2.84 -22.19
C ARG A 215 8.53 -4.00 -23.21
N GLN A 216 9.57 -4.71 -23.57
CA GLN A 216 9.43 -5.90 -24.45
C GLN A 216 8.48 -6.96 -23.87
N VAL A 217 8.77 -7.42 -22.64
CA VAL A 217 7.92 -8.42 -21.98
C VAL A 217 6.50 -7.96 -21.70
N VAL A 218 6.28 -6.73 -21.27
CA VAL A 218 4.91 -6.26 -21.11
C VAL A 218 4.12 -6.33 -22.43
N GLU A 219 4.76 -6.04 -23.54
CA GLU A 219 4.14 -6.17 -24.84
C GLU A 219 3.88 -7.66 -25.21
N GLU A 220 4.74 -8.53 -24.80
CA GLU A 220 4.50 -10.02 -24.94
C GLU A 220 3.26 -10.43 -24.17
N VAL A 221 3.15 -10.01 -22.90
CA VAL A 221 2.01 -10.36 -22.03
C VAL A 221 0.72 -9.82 -22.61
N ALA A 222 0.79 -8.66 -23.23
CA ALA A 222 -0.37 -8.02 -23.84
C ALA A 222 -1.22 -8.84 -24.84
N VAL A 223 -0.59 -9.83 -25.49
CA VAL A 223 -1.25 -10.66 -26.42
C VAL A 223 -2.38 -11.45 -25.81
N ASP A 224 -2.24 -11.79 -24.52
CA ASP A 224 -3.29 -12.48 -23.78
C ASP A 224 -4.46 -11.57 -23.34
N PHE A 225 -4.39 -10.27 -23.64
CA PHE A 225 -5.40 -9.27 -23.25
C PHE A 225 -5.74 -8.34 -24.41
N PRO A 226 -6.29 -8.91 -25.50
CA PRO A 226 -6.66 -8.04 -26.60
C PRO A 226 -7.67 -6.99 -26.23
N ASP A 227 -8.42 -7.18 -25.16
CA ASP A 227 -9.38 -6.20 -24.65
C ASP A 227 -8.84 -4.98 -23.85
N VAL A 228 -7.56 -5.01 -23.44
CA VAL A 228 -6.97 -3.96 -22.62
C VAL A 228 -6.00 -3.19 -23.50
N GLU A 229 -6.07 -1.88 -23.47
CA GLU A 229 -5.15 -1.06 -24.22
C GLU A 229 -3.81 -1.01 -23.47
N LEU A 230 -2.70 -1.04 -24.17
CA LEU A 230 -1.41 -0.89 -23.48
C LEU A 230 -0.73 0.29 -24.06
N GLU A 231 -0.19 1.13 -23.20
CA GLU A 231 0.66 2.24 -23.71
C GLU A 231 1.90 2.28 -22.80
N HIS A 232 2.97 2.91 -23.23
CA HIS A 232 4.17 2.93 -22.44
C HIS A 232 4.55 4.39 -22.23
N ILE A 233 5.13 4.72 -21.08
CA ILE A 233 5.44 6.13 -20.76
C ILE A 233 6.74 6.07 -20.00
N TYR A 234 7.61 7.10 -20.12
CA TYR A 234 8.80 7.09 -19.32
C TYR A 234 8.45 7.70 -17.94
N ILE A 235 9.18 7.30 -16.88
CA ILE A 235 8.87 7.64 -15.54
C ILE A 235 8.90 9.16 -15.36
N ASP A 236 9.86 9.86 -15.97
CA ASP A 236 9.87 11.34 -15.80
C ASP A 236 8.61 11.98 -16.40
N ASN A 237 8.27 11.61 -17.60
CA ASN A 237 7.01 12.07 -18.25
C ASN A 237 5.78 11.65 -17.44
N ALA A 238 5.81 10.46 -16.84
CA ALA A 238 4.61 10.02 -16.04
C ALA A 238 4.40 10.92 -14.85
N THR A 239 5.46 11.37 -14.17
CA THR A 239 5.32 12.34 -13.05
C THR A 239 4.63 13.59 -13.51
N MET A 240 4.93 14.01 -14.72
CA MET A 240 4.26 15.19 -15.28
C MET A 240 2.78 14.95 -15.64
N GLN A 241 2.52 13.83 -16.23
CA GLN A 241 1.18 13.63 -16.77
C GLN A 241 0.19 13.35 -15.64
N LEU A 242 0.65 12.69 -14.60
CA LEU A 242 -0.22 12.36 -13.45
C LEU A 242 -0.66 13.63 -12.80
N LEU A 243 0.17 14.66 -12.88
CA LEU A 243 -0.21 15.99 -12.29
C LEU A 243 -1.21 16.72 -13.09
N ARG A 244 -1.09 16.64 -14.40
CA ARG A 244 -1.89 17.38 -15.33
C ARG A 244 -3.24 16.75 -15.73
N ARG A 245 -3.25 15.44 -15.94
CA ARG A 245 -4.42 14.72 -16.42
C ARG A 245 -4.50 13.31 -15.74
N PRO A 246 -4.53 13.25 -14.41
CA PRO A 246 -4.56 11.93 -13.79
C PRO A 246 -5.79 11.14 -14.15
N ASP A 247 -6.82 11.81 -14.68
CA ASP A 247 -8.02 11.14 -15.09
C ASP A 247 -7.81 10.26 -16.29
N GLU A 248 -6.73 10.41 -17.03
CA GLU A 248 -6.56 9.58 -18.19
C GLU A 248 -5.82 8.29 -17.98
N PHE A 249 -5.41 7.99 -16.74
CA PHE A 249 -4.78 6.72 -16.41
C PHE A 249 -5.73 5.84 -15.64
N ASP A 250 -5.64 4.57 -15.91
CA ASP A 250 -6.39 3.52 -15.23
C ASP A 250 -5.42 2.73 -14.35
N VAL A 251 -4.70 1.73 -14.91
CA VAL A 251 -3.70 0.96 -14.17
C VAL A 251 -2.30 1.40 -14.60
N MET A 252 -1.40 1.58 -13.64
CA MET A 252 0.02 1.86 -14.01
C MET A 252 0.82 0.71 -13.56
N LEU A 253 1.68 0.22 -14.45
CA LEU A 253 2.47 -0.93 -14.25
C LEU A 253 3.90 -0.50 -14.14
N CYS A 254 4.55 -0.78 -13.02
CA CYS A 254 5.87 -0.19 -12.75
C CYS A 254 6.81 -1.17 -12.15
N SER A 255 8.07 -0.96 -12.38
CA SER A 255 9.15 -1.74 -11.64
C SER A 255 9.20 -1.22 -10.24
N ASN A 256 10.10 -1.77 -9.46
CA ASN A 256 10.09 -1.58 -8.04
C ASN A 256 10.43 -0.15 -7.77
N LEU A 257 11.56 0.35 -8.29
CA LEU A 257 11.85 1.78 -7.93
C LEU A 257 10.86 2.76 -8.53
N PHE A 258 10.47 2.54 -9.76
CA PHE A 258 9.52 3.43 -10.37
C PHE A 258 8.10 3.46 -9.75
N GLY A 259 7.63 2.32 -9.37
CA GLY A 259 6.31 2.23 -8.72
C GLY A 259 6.39 2.83 -7.32
N ASP A 260 7.52 2.73 -6.63
CA ASP A 260 7.66 3.39 -5.38
C ASP A 260 7.45 4.84 -5.53
N ILE A 261 8.06 5.43 -6.59
CA ILE A 261 7.95 6.85 -6.77
C ILE A 261 6.55 7.28 -7.23
N LEU A 262 6.02 6.55 -8.20
CA LEU A 262 4.76 6.92 -8.75
C LEU A 262 3.59 6.71 -7.82
N SER A 263 3.66 5.66 -7.02
CA SER A 263 2.54 5.40 -6.15
C SER A 263 2.40 6.48 -5.14
N ASP A 264 3.49 6.92 -4.59
CA ASP A 264 3.46 8.10 -3.68
C ASP A 264 2.87 9.36 -4.33
N GLU A 265 3.36 9.72 -5.54
CA GLU A 265 2.87 10.91 -6.22
C GLU A 265 1.35 10.85 -6.38
N ILE A 266 0.86 9.71 -6.84
CA ILE A 266 -0.58 9.53 -7.05
C ILE A 266 -1.38 9.61 -5.75
N ALA A 267 -0.81 9.09 -4.70
CA ALA A 267 -1.49 9.10 -3.37
C ALA A 267 -1.63 10.53 -2.92
N MET A 268 -0.57 11.31 -3.13
CA MET A 268 -0.61 12.71 -2.69
C MET A 268 -1.61 13.53 -3.53
N LEU A 269 -1.72 13.18 -4.77
CA LEU A 269 -2.67 13.87 -5.65
C LEU A 269 -4.11 13.71 -5.19
N THR A 270 -4.42 12.67 -4.40
CA THR A 270 -5.79 12.54 -3.85
C THR A 270 -6.08 13.60 -2.80
N GLY A 271 -5.03 14.01 -2.11
CA GLY A 271 -5.06 14.95 -0.99
C GLY A 271 -5.62 14.25 0.27
N SER A 272 -5.80 12.92 0.19
CA SER A 272 -6.42 12.17 1.31
C SER A 272 -5.75 10.82 1.47
N MET A 273 -4.52 10.85 1.93
CA MET A 273 -3.79 9.64 2.03
C MET A 273 -4.27 8.76 3.16
N GLY A 274 -4.92 9.33 4.15
CA GLY A 274 -5.46 8.47 5.25
C GLY A 274 -6.59 7.59 4.83
N LEU A 275 -7.00 7.68 3.57
CA LEU A 275 -8.00 6.79 3.06
C LEU A 275 -7.43 5.65 2.24
N LEU A 276 -6.12 5.64 2.00
CA LEU A 276 -5.54 4.71 1.00
C LEU A 276 -4.85 3.54 1.67
N SER A 277 -4.97 2.36 1.06
CA SER A 277 -4.38 1.20 1.62
C SER A 277 -3.60 0.48 0.49
N SER A 278 -2.84 -0.54 0.87
CA SER A 278 -2.03 -1.29 -0.06
C SER A 278 -1.96 -2.79 0.25
N ALA A 279 -1.63 -3.58 -0.76
CA ALA A 279 -1.66 -5.04 -0.68
C ALA A 279 -0.40 -5.48 -1.35
N SER A 280 0.40 -6.28 -0.68
CA SER A 280 1.63 -6.80 -1.18
C SER A 280 1.47 -8.31 -1.16
N MET A 281 1.39 -8.93 -2.33
CA MET A 281 0.87 -10.32 -2.43
C MET A 281 1.87 -11.23 -3.11
N ASN A 282 1.98 -12.46 -2.65
CA ASN A 282 2.68 -13.50 -3.43
C ASN A 282 1.70 -14.28 -4.29
N SER A 283 2.17 -15.26 -5.02
CA SER A 283 1.37 -15.91 -6.06
C SER A 283 0.46 -16.98 -5.47
N THR A 284 0.66 -17.32 -4.21
CA THR A 284 -0.22 -18.30 -3.54
C THR A 284 -1.21 -17.66 -2.57
N GLY A 285 -1.49 -16.36 -2.67
CA GLY A 285 -2.55 -15.70 -1.86
C GLY A 285 -2.19 -15.22 -0.43
N PHE A 286 -0.98 -15.36 -0.02
CA PHE A 286 -0.51 -14.75 1.20
C PHE A 286 -0.13 -13.30 0.92
N GLY A 287 -0.44 -12.37 1.80
CA GLY A 287 0.09 -11.06 1.63
C GLY A 287 0.25 -10.24 2.87
N LEU A 288 0.83 -9.07 2.68
CA LEU A 288 0.94 -8.02 3.67
C LEU A 288 0.12 -6.81 3.32
N PHE A 289 -0.78 -6.31 4.22
CA PHE A 289 -1.75 -5.34 3.95
C PHE A 289 -1.56 -4.19 4.89
N GLU A 290 -1.31 -3.05 4.33
CA GLU A 290 -0.91 -1.88 5.13
C GLU A 290 -1.49 -0.60 4.56
N PRO A 291 -1.56 0.43 5.41
CA PRO A 291 -1.90 1.73 4.86
C PRO A 291 -0.83 2.25 3.97
N ALA A 292 -1.22 3.11 3.05
CA ALA A 292 -0.27 3.75 2.14
C ALA A 292 0.62 4.79 2.81
N GLY A 293 0.17 5.43 3.88
CA GLY A 293 0.90 6.58 4.44
C GLY A 293 1.72 6.05 5.59
N GLY A 294 2.63 6.90 6.11
CA GLY A 294 3.60 6.57 7.16
C GLY A 294 3.13 6.48 8.62
N SER A 295 4.09 6.37 9.55
CA SER A 295 3.74 6.14 10.99
C SER A 295 3.36 7.43 11.71
N ALA A 296 3.55 8.56 11.00
CA ALA A 296 3.08 9.90 11.42
C ALA A 296 3.33 10.07 12.91
N PRO A 297 4.62 9.97 13.34
CA PRO A 297 4.90 10.06 14.79
C PRO A 297 4.36 11.36 15.46
N ASP A 298 4.32 12.47 14.72
CA ASP A 298 3.83 13.78 15.20
C ASP A 298 2.38 13.78 15.72
N ILE A 299 1.55 12.86 15.24
CA ILE A 299 0.18 12.76 15.74
C ILE A 299 -0.12 11.53 16.59
N ALA A 300 0.83 10.60 16.75
CA ALA A 300 0.62 9.34 17.48
C ALA A 300 0.10 9.49 18.90
N GLY A 301 -0.66 8.51 19.35
CA GLY A 301 -1.32 8.53 20.63
C GLY A 301 -2.33 9.63 20.92
N LYS A 302 -2.71 10.48 19.95
CA LYS A 302 -3.65 11.61 20.27
C LYS A 302 -5.15 11.39 20.01
N GLY A 303 -5.53 10.32 19.31
CA GLY A 303 -6.92 10.08 18.96
C GLY A 303 -7.36 10.88 17.78
N ILE A 304 -6.43 11.31 16.96
CA ILE A 304 -6.83 12.08 15.79
C ILE A 304 -6.41 11.40 14.46
N ALA A 305 -5.54 10.40 14.52
CA ALA A 305 -5.19 9.69 13.27
C ALA A 305 -6.37 9.09 12.54
N ASN A 306 -6.35 9.17 11.20
CA ASN A 306 -7.44 8.62 10.42
C ASN A 306 -7.27 7.10 10.39
N PRO A 307 -8.21 6.34 10.99
CA PRO A 307 -8.03 4.86 10.87
C PRO A 307 -8.52 4.18 9.59
N ILE A 308 -9.07 4.95 8.67
CA ILE A 308 -9.67 4.35 7.50
C ILE A 308 -8.68 3.59 6.70
N ALA A 309 -7.42 4.11 6.45
CA ALA A 309 -6.44 3.35 5.67
C ALA A 309 -6.17 1.95 6.25
N GLN A 310 -6.15 1.91 7.59
CA GLN A 310 -5.81 0.61 8.27
C GLN A 310 -7.02 -0.33 8.18
N ILE A 311 -8.18 0.24 8.29
CA ILE A 311 -9.49 -0.48 8.24
C ILE A 311 -9.62 -1.09 6.83
N LEU A 312 -9.30 -0.27 5.81
CA LEU A 312 -9.31 -0.76 4.44
C LEU A 312 -8.24 -1.70 4.10
N SER A 313 -7.07 -1.61 4.74
CA SER A 313 -6.11 -2.70 4.68
C SER A 313 -6.63 -4.04 5.15
N ALA A 314 -7.36 -4.02 6.22
CA ALA A 314 -8.03 -5.20 6.72
C ALA A 314 -9.05 -5.72 5.69
N ALA A 315 -9.75 -4.82 5.00
CA ALA A 315 -10.64 -5.26 3.94
C ALA A 315 -9.82 -5.94 2.80
N LEU A 316 -8.63 -5.42 2.43
CA LEU A 316 -7.86 -6.11 1.39
C LEU A 316 -7.38 -7.48 1.82
N MET A 317 -7.00 -7.54 3.10
CA MET A 317 -6.63 -8.82 3.72
C MET A 317 -7.74 -9.85 3.56
N LEU A 318 -8.95 -9.43 3.82
CA LEU A 318 -10.07 -10.36 3.76
C LEU A 318 -10.26 -10.84 2.32
N ARG A 319 -10.16 -9.92 1.36
CA ARG A 319 -10.40 -10.27 -0.05
C ARG A 319 -9.33 -11.09 -0.63
N HIS A 320 -8.09 -10.60 -0.54
CA HIS A 320 -6.96 -11.18 -1.23
C HIS A 320 -6.40 -12.42 -0.56
N SER A 321 -6.25 -12.42 0.76
CA SER A 321 -5.66 -13.57 1.39
C SER A 321 -6.68 -14.55 1.92
N LEU A 322 -7.77 -14.04 2.50
CA LEU A 322 -8.76 -14.88 3.14
C LEU A 322 -9.95 -15.32 2.25
N LYS A 323 -10.03 -14.81 1.04
CA LYS A 323 -11.12 -15.18 0.12
C LYS A 323 -12.47 -14.93 0.78
N GLN A 324 -12.57 -13.78 1.43
CA GLN A 324 -13.83 -13.33 2.04
C GLN A 324 -14.29 -12.05 1.41
N GLU A 325 -14.70 -12.14 0.16
CA GLU A 325 -15.06 -10.96 -0.60
C GLU A 325 -16.24 -10.22 -0.01
N GLU A 326 -17.30 -10.88 0.51
CA GLU A 326 -18.45 -10.11 1.06
C GLU A 326 -18.04 -9.39 2.29
N ALA A 327 -17.16 -9.99 3.11
CA ALA A 327 -16.73 -9.28 4.33
C ALA A 327 -15.84 -8.05 3.93
N ALA A 328 -14.92 -8.25 3.04
CA ALA A 328 -14.14 -7.12 2.51
C ALA A 328 -15.04 -6.01 2.05
N SER A 329 -16.08 -6.37 1.25
CA SER A 329 -16.90 -5.35 0.66
C SER A 329 -17.79 -4.61 1.68
N ALA A 330 -18.25 -5.34 2.69
CA ALA A 330 -18.92 -4.74 3.79
C ALA A 330 -18.13 -3.66 4.54
N ILE A 331 -16.86 -3.89 4.82
CA ILE A 331 -15.97 -2.89 5.44
C ILE A 331 -15.89 -1.66 4.54
N GLU A 332 -15.71 -1.93 3.22
CA GLU A 332 -15.56 -0.88 2.21
C GLU A 332 -16.78 -0.02 2.18
N ARG A 333 -17.94 -0.62 2.26
CA ARG A 333 -19.21 0.20 2.27
C ARG A 333 -19.42 0.93 3.59
N ALA A 334 -18.97 0.34 4.68
CA ALA A 334 -19.03 1.01 6.01
C ALA A 334 -18.16 2.27 6.00
N VAL A 335 -17.02 2.23 5.31
CA VAL A 335 -16.19 3.38 5.13
C VAL A 335 -16.87 4.43 4.28
N THR A 336 -17.45 4.01 3.16
CA THR A 336 -18.29 4.95 2.37
C THR A 336 -19.38 5.67 3.18
N LYS A 337 -20.11 4.90 4.01
CA LYS A 337 -21.12 5.46 4.84
C LYS A 337 -20.54 6.50 5.79
N ALA A 338 -19.38 6.28 6.38
CA ALA A 338 -18.83 7.27 7.28
C ALA A 338 -18.58 8.52 6.53
N LEU A 339 -17.98 8.37 5.34
CA LEU A 339 -17.48 9.51 4.57
C LEU A 339 -18.62 10.31 4.04
N ASN A 340 -19.79 9.73 3.92
CA ASN A 340 -20.94 10.47 3.47
C ASN A 340 -21.99 10.75 4.54
N SER A 341 -21.68 10.42 5.79
CA SER A 341 -22.54 10.71 6.95
C SER A 341 -21.89 11.62 7.96
N GLY A 342 -20.94 12.41 7.52
CA GLY A 342 -20.26 13.36 8.41
C GLY A 342 -19.26 12.76 9.39
N TYR A 343 -18.87 11.48 9.21
CA TYR A 343 -17.78 10.94 10.00
C TYR A 343 -16.44 11.04 9.29
N LEU A 344 -15.81 12.19 9.46
CA LEU A 344 -14.47 12.47 8.91
C LEU A 344 -13.51 12.87 10.03
N THR A 345 -12.26 12.44 9.96
CA THR A 345 -11.20 12.91 10.88
C THR A 345 -10.73 14.26 10.38
N GLY A 346 -9.92 14.92 11.21
CA GLY A 346 -9.59 16.35 11.03
C GLY A 346 -8.86 16.69 9.77
N GLU A 347 -7.97 15.78 9.30
CA GLU A 347 -7.16 16.06 8.11
C GLU A 347 -7.97 16.00 6.81
N LEU A 348 -9.20 15.53 6.90
CA LEU A 348 -10.10 15.45 5.75
C LEU A 348 -10.99 16.63 5.56
N LEU A 349 -10.95 17.55 6.53
CA LEU A 349 -11.87 18.66 6.64
C LEU A 349 -11.15 19.94 6.30
N SER A 350 -11.84 20.88 5.66
CA SER A 350 -11.23 22.24 5.43
C SER A 350 -11.06 22.92 6.77
N SER A 351 -10.19 23.91 6.91
CA SER A 351 -9.95 24.48 8.26
C SER A 351 -11.18 25.15 8.87
N ASP A 352 -12.13 25.60 8.03
CA ASP A 352 -13.40 26.14 8.53
C ASP A 352 -14.33 25.06 9.09
N GLN A 353 -14.18 23.81 8.63
CA GLN A 353 -15.03 22.67 9.07
C GLN A 353 -14.35 21.72 10.07
N ARG A 354 -13.07 21.99 10.37
CA ARG A 354 -12.26 21.27 11.38
C ARG A 354 -12.92 20.91 12.67
N HIS A 355 -13.73 21.82 13.21
CA HIS A 355 -14.44 21.60 14.49
C HIS A 355 -15.44 20.42 14.42
N LYS A 356 -15.77 19.92 13.23
CA LYS A 356 -16.59 18.71 13.11
C LYS A 356 -15.79 17.37 13.17
N ALA A 357 -14.48 17.43 13.42
CA ALA A 357 -13.61 16.27 13.29
C ALA A 357 -13.92 15.16 14.29
N LYS A 358 -13.91 13.93 13.80
CA LYS A 358 -14.07 12.76 14.65
C LYS A 358 -12.72 12.25 15.08
N THR A 359 -12.68 11.62 16.26
CA THR A 359 -11.49 11.01 16.71
C THR A 359 -11.30 9.64 16.09
N THR A 360 -10.13 9.07 16.24
CA THR A 360 -9.83 7.75 15.70
C THR A 360 -10.87 6.71 16.17
N VAL A 361 -11.15 6.74 17.46
CA VAL A 361 -12.15 5.78 18.06
C VAL A 361 -13.57 6.01 17.55
N GLN A 362 -13.98 7.25 17.41
CA GLN A 362 -15.30 7.55 16.89
C GLN A 362 -15.44 6.93 15.48
N MET A 363 -14.38 7.04 14.70
CA MET A 363 -14.35 6.49 13.35
C MET A 363 -14.51 5.00 13.35
N GLY A 364 -13.68 4.28 14.11
CA GLY A 364 -13.77 2.88 14.18
C GLY A 364 -15.11 2.40 14.71
N ASP A 365 -15.71 3.16 15.66
CA ASP A 365 -16.98 2.74 16.26
C ASP A 365 -18.09 2.94 15.19
N PHE A 366 -18.05 4.04 14.44
CA PHE A 366 -19.03 4.25 13.43
C PHE A 366 -18.96 3.16 12.36
N ILE A 367 -17.75 2.82 11.93
CA ILE A 367 -17.53 1.89 10.82
C ILE A 367 -17.93 0.50 11.25
N ALA A 368 -17.47 0.08 12.40
CA ALA A 368 -17.87 -1.19 12.94
C ALA A 368 -19.40 -1.29 13.12
N ASP A 369 -20.04 -0.23 13.58
CA ASP A 369 -21.50 -0.19 13.74
C ASP A 369 -22.19 -0.26 12.44
N ALA A 370 -21.62 0.27 11.38
CA ALA A 370 -22.31 0.16 10.09
C ALA A 370 -22.26 -1.25 9.58
N VAL A 371 -21.11 -1.94 9.76
CA VAL A 371 -20.98 -3.31 9.33
C VAL A 371 -22.10 -4.07 10.09
N LYS A 372 -22.18 -3.83 11.37
CA LYS A 372 -23.08 -4.58 12.24
C LYS A 372 -24.54 -4.35 11.83
N ALA A 373 -24.87 -3.14 11.40
CA ALA A 373 -26.21 -2.80 10.97
C ALA A 373 -26.54 -3.30 9.57
N GLY A 374 -25.63 -4.01 8.92
CA GLY A 374 -25.80 -4.58 7.61
C GLY A 374 -25.54 -3.70 6.41
N VAL A 375 -24.73 -2.63 6.56
CA VAL A 375 -24.30 -1.85 5.40
C VAL A 375 -23.81 -2.72 4.24
C1 IPM B . 7.38 2.07 0.56
C2 IPM B . 8.61 2.61 1.19
C3 IPM B . 9.67 1.58 1.15
C4 IPM B . 10.06 1.24 -0.27
C5 IPM B . 10.91 1.97 1.95
C6 IPM B . 10.66 2.38 3.40
C7 IPM B . 11.86 0.85 1.91
O1 IPM B . 9.01 3.81 0.52
O2 IPM B . 6.74 1.12 1.09
O3 IPM B . 6.88 2.60 -0.46
O4 IPM B . 9.46 0.28 -0.85
O5 IPM B . 10.92 1.93 -0.83
MG MG C . 7.73 4.44 -1.03
#